data_2V3P
#
_entry.id   2V3P
#
_cell.length_a   100.390
_cell.length_b   100.390
_cell.length_c   129.742
_cell.angle_alpha   90.00
_cell.angle_beta   90.00
_cell.angle_gamma   120.00
#
_symmetry.space_group_name_H-M   'P 31 2 1'
#
loop_
_entity.id
_entity.type
_entity.pdbx_description
1 polymer TRANSCOBALAMIN-2
2 non-polymer COBALAMIN
3 non-polymer 'CHLORIDE ION'
4 non-polymer 'SULFITE ION'
5 water water
#
_entity_poly.entity_id   1
_entity_poly.type   'polypeptide(L)'
_entity_poly.pdbx_seq_one_letter_code
;NICEITEVDSTLVERLGQRLLPWMDRLSQEQLNPSIYVGLRLSSLQAGAKEAHYLHSLKLSYQQSLLRPASNKDDNDSEA
KPSMGQLALYLLALRANCEFIGGRKGDRLVSQLKRFLEDEKRAIGHNHQGHPRTSYYQYSLGILALCVHQKRVHDSVVGK
LLYAVEHKPHLLQDHVSVDTMAMAGMAFSCLELSNLNPKQRNRINLALKRVQEKILKAQTPEGYFGNVYSTPLALQLLMG
SLRPSVELGTACLKAKAALQASLQHKTFQNPLMISQLLPVLNQKSYVDLISPDCQAPRALLEPALETPPQAKVPKFIDVL
LKVSGISPSYRHSVSVPAGSSLEDILKNAQEHGRFRFRTQASLSGPFLTSVLGRKAGEREFWQVLRDPDTPLQQGIADYR
PKDGETIELRLVGW
;
_entity_poly.pdbx_strand_id   A
#
# COMPACT_ATOMS: atom_id res chain seq x y z
N ASN A 1 2.43 17.01 19.44
CA ASN A 1 2.33 17.42 18.02
C ASN A 1 0.88 17.55 17.52
N ILE A 2 0.68 18.56 16.68
CA ILE A 2 -0.65 18.96 16.19
C ILE A 2 -1.22 18.00 15.14
N CYS A 3 -0.33 17.39 14.36
CA CYS A 3 -0.73 16.50 13.25
C CYS A 3 -0.87 15.03 13.64
N GLU A 4 -0.79 14.74 14.94
CA GLU A 4 -0.87 13.38 15.45
C GLU A 4 -2.28 13.00 15.89
N ILE A 5 -2.70 11.79 15.55
CA ILE A 5 -3.95 11.26 16.08
C ILE A 5 -3.76 10.98 17.57
N THR A 6 -4.37 11.84 18.36
CA THR A 6 -4.24 11.78 19.80
C THR A 6 -5.34 10.88 20.39
N GLU A 7 -6.59 11.12 19.95
CA GLU A 7 -7.76 10.47 20.52
C GLU A 7 -8.33 9.40 19.61
N VAL A 8 -8.45 8.18 20.12
CA VAL A 8 -9.03 7.06 19.36
C VAL A 8 -9.70 6.04 20.26
N ASP A 9 -10.92 5.66 19.90
CA ASP A 9 -11.64 4.69 20.68
C ASP A 9 -10.92 3.35 20.57
N SER A 10 -10.56 2.79 21.72
CA SER A 10 -9.78 1.57 21.78
C SER A 10 -10.50 0.43 21.06
N THR A 11 -11.84 0.44 21.09
CA THR A 11 -12.64 -0.64 20.47
C THR A 11 -12.72 -0.52 18.95
N LEU A 12 -12.61 0.70 18.43
CA LEU A 12 -12.44 0.93 17.00
C LEU A 12 -11.12 0.34 16.52
N VAL A 13 -10.03 0.69 17.20
CA VAL A 13 -8.69 0.20 16.86
C VAL A 13 -8.63 -1.31 17.01
N GLU A 14 -9.27 -1.86 18.03
CA GLU A 14 -9.25 -3.30 18.25
C GLU A 14 -9.94 -4.03 17.10
N ARG A 15 -11.00 -3.43 16.57
CA ARG A 15 -11.73 -3.99 15.44
C ARG A 15 -10.89 -4.06 14.18
N LEU A 16 -10.21 -2.95 13.88
CA LEU A 16 -9.32 -2.86 12.73
C LEU A 16 -8.27 -3.95 12.80
N GLY A 17 -7.66 -4.09 13.97
CA GLY A 17 -6.66 -5.11 14.23
C GLY A 17 -7.20 -6.51 14.04
N GLN A 18 -8.46 -6.72 14.41
CA GLN A 18 -9.04 -8.04 14.26
C GLN A 18 -9.22 -8.45 12.81
N ARG A 19 -9.33 -7.46 11.92
CA ARG A 19 -9.43 -7.74 10.50
C ARG A 19 -8.10 -8.27 9.97
N LEU A 20 -6.99 -7.95 10.62
CA LEU A 20 -5.65 -8.42 10.19
C LEU A 20 -5.29 -9.77 10.76
N LEU A 21 -5.89 -10.11 11.90
CA LEU A 21 -5.55 -11.33 12.60
C LEU A 21 -5.61 -12.59 11.72
N PRO A 22 -6.70 -12.80 10.96
CA PRO A 22 -6.72 -14.02 10.19
C PRO A 22 -5.57 -14.16 9.20
N TRP A 23 -4.99 -13.05 8.75
CA TRP A 23 -3.94 -13.09 7.73
C TRP A 23 -2.62 -13.59 8.30
N MET A 24 -2.53 -13.60 9.62
CA MET A 24 -1.36 -14.14 10.30
C MET A 24 -1.24 -15.66 10.12
N ASP A 25 -2.35 -16.34 9.85
CA ASP A 25 -2.34 -17.78 9.53
C ASP A 25 -2.14 -18.04 8.05
N ARG A 26 -2.05 -17.00 7.26
CA ARG A 26 -2.02 -17.15 5.82
C ARG A 26 -0.60 -16.94 5.33
N LEU A 27 0.16 -18.03 5.33
CA LEU A 27 1.60 -17.97 5.19
C LEU A 27 2.14 -18.37 3.84
N SER A 28 1.26 -18.70 2.90
CA SER A 28 1.69 -19.07 1.55
C SER A 28 2.48 -17.93 0.92
N GLN A 29 3.33 -18.28 -0.06
CA GLN A 29 4.12 -17.30 -0.79
C GLN A 29 3.31 -16.11 -1.34
N GLU A 30 2.06 -16.34 -1.74
CA GLU A 30 1.21 -15.28 -2.29
C GLU A 30 0.45 -14.48 -1.25
N GLN A 31 0.30 -15.04 -0.05
CA GLN A 31 -0.45 -14.36 0.98
C GLN A 31 0.44 -13.55 1.90
N LEU A 32 1.70 -13.96 2.04
CA LEU A 32 2.64 -13.27 2.94
C LEU A 32 2.74 -11.82 2.57
N ASN A 33 2.71 -10.94 3.56
CA ASN A 33 2.52 -9.53 3.28
C ASN A 33 3.31 -8.65 4.25
N PRO A 34 4.52 -8.21 3.85
CA PRO A 34 5.36 -7.48 4.76
C PRO A 34 4.66 -6.29 5.29
N SER A 35 3.75 -5.71 4.53
CA SER A 35 3.12 -4.47 4.97
C SER A 35 2.23 -4.64 6.20
N ILE A 36 1.61 -5.81 6.30
CA ILE A 36 0.76 -6.13 7.44
C ILE A 36 1.63 -6.18 8.69
N TYR A 37 2.74 -6.90 8.60
CA TYR A 37 3.64 -7.08 9.77
C TYR A 37 4.22 -5.76 10.27
N VAL A 38 4.60 -4.89 9.35
CA VAL A 38 5.03 -3.55 9.71
C VAL A 38 3.89 -2.84 10.43
N GLY A 39 2.72 -2.83 9.80
CA GLY A 39 1.52 -2.21 10.37
C GLY A 39 1.29 -2.64 11.79
N LEU A 40 1.33 -3.93 12.07
CA LEU A 40 1.12 -4.40 13.42
C LEU A 40 2.21 -3.95 14.39
N ARG A 41 3.47 -4.21 14.03
CA ARG A 41 4.63 -3.87 14.88
C ARG A 41 4.62 -2.39 15.26
N LEU A 42 4.21 -1.52 14.34
CA LEU A 42 4.13 -0.12 14.66
C LEU A 42 2.83 0.26 15.36
N SER A 43 1.87 -0.66 15.43
CA SER A 43 0.57 -0.35 16.06
C SER A 43 0.64 -0.46 17.58
N SER A 44 -0.53 -0.34 18.21
CA SER A 44 -0.68 -0.52 19.64
C SER A 44 -1.23 -1.91 19.91
N LEU A 45 -1.30 -2.70 18.83
CA LEU A 45 -1.87 -4.05 18.88
C LEU A 45 -0.84 -5.12 18.59
N GLN A 46 -1.03 -6.26 19.24
CA GLN A 46 -0.24 -7.44 18.96
C GLN A 46 -1.11 -8.62 18.54
N ALA A 47 -0.65 -9.37 17.56
CA ALA A 47 -1.46 -10.43 16.98
C ALA A 47 -1.00 -11.80 17.42
N GLY A 48 -1.07 -12.09 18.72
CA GLY A 48 -0.28 -13.18 19.34
C GLY A 48 1.24 -13.00 19.10
N ALA A 49 2.03 -14.02 19.41
CA ALA A 49 3.42 -14.08 18.92
C ALA A 49 3.43 -14.94 17.68
N LYS A 50 2.23 -15.13 17.11
CA LYS A 50 2.06 -15.44 15.69
C LYS A 50 2.96 -14.54 14.82
N GLU A 51 3.23 -13.33 15.31
CA GLU A 51 4.09 -12.36 14.65
C GLU A 51 5.47 -12.91 14.30
N ALA A 52 6.08 -13.61 15.24
CA ALA A 52 7.42 -14.15 15.06
C ALA A 52 7.42 -15.15 13.92
N HIS A 53 6.48 -16.10 13.94
CA HIS A 53 6.31 -17.01 12.80
C HIS A 53 6.11 -16.25 11.50
N TYR A 54 5.37 -15.15 11.54
CA TYR A 54 5.13 -14.42 10.32
C TYR A 54 6.44 -13.95 9.73
N LEU A 55 7.20 -13.22 10.55
CA LEU A 55 8.45 -12.63 10.09
C LEU A 55 9.40 -13.72 9.66
N HIS A 56 9.39 -14.82 10.41
CA HIS A 56 10.26 -15.94 10.06
C HIS A 56 9.89 -16.49 8.68
N SER A 57 8.58 -16.61 8.45
CA SER A 57 8.02 -17.11 7.18
C SER A 57 8.42 -16.21 6.03
N LEU A 58 8.33 -14.90 6.25
CA LEU A 58 8.80 -13.89 5.30
C LEU A 58 10.26 -14.13 5.01
N LYS A 59 11.09 -14.09 6.06
CA LYS A 59 12.52 -14.29 5.92
C LYS A 59 12.83 -15.48 5.02
N LEU A 60 12.35 -16.65 5.39
CA LEU A 60 12.64 -17.86 4.62
C LEU A 60 12.21 -17.73 3.16
N SER A 61 11.03 -17.13 2.96
CA SER A 61 10.41 -17.05 1.63
C SER A 61 11.06 -16.02 0.71
N TYR A 62 11.27 -14.80 1.22
CA TYR A 62 11.95 -13.77 0.46
C TYR A 62 13.40 -14.12 0.17
N GLN A 63 14.01 -14.96 0.99
CA GLN A 63 15.36 -15.42 0.68
C GLN A 63 15.38 -16.56 -0.33
N GLN A 64 14.55 -17.59 -0.11
CA GLN A 64 14.51 -18.76 -1.03
C GLN A 64 14.22 -18.34 -2.47
N SER A 65 13.39 -17.30 -2.63
CA SER A 65 12.82 -16.92 -3.91
C SER A 65 13.69 -15.96 -4.68
N LEU A 66 14.29 -15.01 -3.96
CA LEU A 66 15.07 -13.96 -4.60
C LEU A 66 16.53 -14.32 -4.79
N LEU A 67 17.00 -15.31 -4.04
CA LEU A 67 18.39 -15.74 -4.10
C LEU A 67 18.53 -17.14 -4.71
N ARG A 68 17.82 -17.35 -5.83
CA ARG A 68 17.86 -18.61 -6.56
C ARG A 68 19.06 -18.65 -7.51
N PRO A 69 19.67 -19.87 -7.69
CA PRO A 69 20.95 -20.08 -8.41
C PRO A 69 21.12 -19.41 -9.80
N ALA A 70 22.35 -19.48 -10.32
CA ALA A 70 22.82 -18.77 -11.55
C ALA A 70 21.84 -18.74 -12.74
N SER A 71 21.33 -19.91 -13.12
CA SER A 71 20.19 -20.06 -14.02
C SER A 71 19.44 -21.34 -13.62
N ASN A 72 18.20 -21.18 -13.17
CA ASN A 72 17.38 -22.31 -12.68
C ASN A 72 17.06 -23.34 -13.78
N LYS A 73 17.13 -24.61 -13.42
CA LYS A 73 17.17 -25.71 -14.40
C LYS A 73 15.84 -25.94 -15.16
N ASP A 74 15.87 -25.60 -16.45
CA ASP A 74 14.87 -26.02 -17.47
C ASP A 74 13.55 -25.20 -17.62
N ASP A 75 13.49 -24.00 -17.06
CA ASP A 75 12.25 -23.18 -17.17
C ASP A 75 12.41 -21.68 -17.51
N ASN A 76 13.35 -21.00 -16.84
CA ASN A 76 13.48 -19.52 -16.83
C ASN A 76 12.38 -18.79 -16.05
N ASP A 77 11.64 -19.56 -15.23
CA ASP A 77 10.49 -19.06 -14.51
C ASP A 77 10.27 -19.81 -13.18
N SER A 78 9.84 -21.07 -13.28
CA SER A 78 9.25 -21.85 -12.16
C SER A 78 9.11 -21.08 -10.82
N GLU A 79 7.97 -20.40 -10.69
CA GLU A 79 7.54 -19.65 -9.49
C GLU A 79 7.75 -18.14 -9.61
N ALA A 80 6.65 -17.40 -9.52
CA ALA A 80 6.72 -15.95 -9.37
C ALA A 80 7.30 -15.67 -7.99
N LYS A 81 8.06 -14.59 -7.89
CA LYS A 81 8.78 -14.24 -6.68
C LYS A 81 8.35 -12.84 -6.25
N PRO A 82 8.79 -12.38 -5.06
CA PRO A 82 8.59 -10.98 -4.66
C PRO A 82 9.17 -9.95 -5.64
N SER A 83 8.37 -8.92 -5.91
CA SER A 83 8.77 -7.76 -6.71
C SER A 83 9.82 -6.99 -5.93
N MET A 84 10.40 -5.95 -6.53
CA MET A 84 11.42 -5.18 -5.84
C MET A 84 10.80 -4.23 -4.83
N GLY A 85 9.60 -3.75 -5.10
CA GLY A 85 8.91 -2.87 -4.16
C GLY A 85 8.52 -3.65 -2.93
N GLN A 86 8.18 -4.92 -3.14
CA GLN A 86 7.87 -5.82 -2.05
C GLN A 86 9.09 -6.07 -1.17
N LEU A 87 10.23 -6.23 -1.82
CA LEU A 87 11.50 -6.39 -1.14
C LEU A 87 11.76 -5.18 -0.26
N ALA A 88 11.45 -3.98 -0.76
CA ALA A 88 11.56 -2.79 0.06
C ALA A 88 10.69 -2.90 1.30
N LEU A 89 9.48 -3.45 1.19
CA LEU A 89 8.65 -3.62 2.39
C LEU A 89 9.18 -4.73 3.32
N TYR A 90 9.72 -5.78 2.74
CA TYR A 90 10.40 -6.79 3.51
C TYR A 90 11.47 -6.12 4.38
N LEU A 91 12.26 -5.24 3.77
CA LEU A 91 13.26 -4.48 4.53
C LEU A 91 12.63 -3.70 5.69
N LEU A 92 11.48 -3.08 5.45
CA LEU A 92 10.76 -2.40 6.52
C LEU A 92 10.35 -3.41 7.60
N ALA A 93 9.82 -4.55 7.21
CA ALA A 93 9.46 -5.60 8.17
C ALA A 93 10.61 -5.93 9.10
N LEU A 94 11.82 -6.02 8.55
CA LEU A 94 13.00 -6.28 9.36
C LEU A 94 13.23 -5.22 10.42
N ARG A 95 13.11 -3.94 10.06
CA ARG A 95 13.36 -2.87 11.01
C ARG A 95 12.32 -2.91 12.13
N ALA A 96 11.09 -3.28 11.76
CA ALA A 96 9.97 -3.33 12.68
C ALA A 96 10.18 -4.39 13.74
N ASN A 97 11.11 -5.30 13.46
CA ASN A 97 11.61 -6.24 14.46
C ASN A 97 12.99 -5.83 14.99
N CYS A 98 13.36 -4.57 14.74
CA CYS A 98 14.61 -4.00 15.25
C CYS A 98 15.82 -4.77 14.73
N GLU A 99 15.77 -5.15 13.45
CA GLU A 99 16.88 -5.84 12.83
C GLU A 99 17.44 -5.00 11.72
N PHE A 100 18.76 -4.97 11.60
CA PHE A 100 19.40 -4.46 10.40
C PHE A 100 19.64 -5.62 9.46
N ILE A 101 19.46 -5.38 8.17
CA ILE A 101 19.82 -6.38 7.18
C ILE A 101 21.35 -6.66 7.26
N GLY A 102 21.73 -7.93 7.09
CA GLY A 102 23.13 -8.30 7.20
C GLY A 102 23.49 -9.64 6.62
N GLY A 103 24.77 -9.99 6.77
CA GLY A 103 25.30 -11.21 6.20
C GLY A 103 25.30 -11.15 4.69
N ARG A 104 25.68 -12.29 4.09
CA ARG A 104 25.80 -12.41 2.64
C ARG A 104 24.47 -12.34 1.93
N LYS A 105 23.48 -13.07 2.45
CA LYS A 105 22.14 -13.09 1.90
C LYS A 105 21.57 -11.67 1.94
N GLY A 106 21.81 -10.96 3.04
CA GLY A 106 21.31 -9.60 3.20
C GLY A 106 21.98 -8.58 2.31
N ASP A 107 23.27 -8.81 1.99
CA ASP A 107 23.98 -7.95 1.06
C ASP A 107 23.46 -8.12 -0.36
N ARG A 108 23.31 -9.39 -0.79
CA ARG A 108 22.74 -9.73 -2.08
C ARG A 108 21.38 -9.05 -2.27
N LEU A 109 20.54 -9.05 -1.22
CA LEU A 109 19.23 -8.39 -1.27
C LEU A 109 19.29 -6.86 -1.37
N VAL A 110 20.17 -6.25 -0.58
CA VAL A 110 20.37 -4.80 -0.68
C VAL A 110 20.82 -4.44 -2.10
N SER A 111 21.69 -5.28 -2.66
CA SER A 111 22.16 -5.13 -4.03
C SER A 111 21.00 -5.16 -4.98
N GLN A 112 20.12 -6.15 -4.83
CA GLN A 112 18.95 -6.29 -5.70
C GLN A 112 18.13 -5.02 -5.66
N LEU A 113 17.92 -4.49 -4.47
CA LEU A 113 17.12 -3.28 -4.35
C LEU A 113 17.88 -2.13 -4.97
N LYS A 114 19.20 -2.11 -4.86
CA LYS A 114 19.97 -1.04 -5.45
C LYS A 114 19.91 -1.06 -6.99
N ARG A 115 20.09 -2.24 -7.58
CA ARG A 115 19.92 -2.43 -9.01
C ARG A 115 18.54 -2.00 -9.51
N PHE A 116 17.50 -2.33 -8.75
CA PHE A 116 16.14 -1.87 -9.03
C PHE A 116 16.14 -0.37 -9.25
N LEU A 117 16.54 0.39 -8.23
CA LEU A 117 16.54 1.85 -8.33
C LEU A 117 17.37 2.35 -9.52
N GLU A 118 18.54 1.78 -9.74
CA GLU A 118 19.41 2.16 -10.85
C GLU A 118 18.69 2.01 -12.17
N ASP A 119 18.10 0.84 -12.37
CA ASP A 119 17.28 0.55 -13.54
C ASP A 119 16.12 1.53 -13.70
N GLU A 120 15.49 1.92 -12.59
CA GLU A 120 14.46 2.96 -12.67
C GLU A 120 15.03 4.32 -13.04
N LYS A 121 16.15 4.69 -12.42
CA LYS A 121 16.88 5.90 -12.80
C LYS A 121 17.11 5.95 -14.31
N ARG A 122 17.48 4.81 -14.89
CA ARG A 122 17.77 4.73 -16.32
C ARG A 122 16.50 4.78 -17.15
N ALA A 123 15.44 4.14 -16.65
CA ALA A 123 14.13 4.15 -17.32
C ALA A 123 13.58 5.56 -17.41
N ILE A 124 13.69 6.30 -16.30
CA ILE A 124 13.41 7.73 -16.32
C ILE A 124 14.35 8.37 -17.33
N GLY A 125 15.64 8.40 -16.96
CA GLY A 125 16.72 8.74 -17.87
C GLY A 125 17.10 10.19 -17.96
N HIS A 126 18.32 10.43 -18.43
CA HIS A 126 18.76 11.72 -19.01
C HIS A 126 18.23 12.94 -18.28
N ASN A 127 17.14 13.48 -18.83
CA ASN A 127 16.39 14.60 -18.30
C ASN A 127 14.89 14.29 -18.38
N HIS A 128 14.51 13.20 -17.71
CA HIS A 128 13.12 12.92 -17.25
C HIS A 128 12.00 12.79 -18.28
N GLN A 129 12.35 12.60 -19.55
CA GLN A 129 11.37 12.27 -20.57
C GLN A 129 11.22 10.76 -20.57
N GLY A 130 10.75 10.20 -19.47
CA GLY A 130 10.65 8.74 -19.31
C GLY A 130 9.97 8.41 -18.01
N HIS A 131 9.44 7.20 -17.91
CA HIS A 131 8.67 6.80 -16.74
C HIS A 131 9.35 5.65 -16.03
N PRO A 132 9.22 5.56 -14.69
CA PRO A 132 9.75 4.38 -14.03
C PRO A 132 8.96 3.21 -14.53
N ARG A 133 9.57 2.04 -14.60
CA ARG A 133 8.86 0.86 -15.06
C ARG A 133 7.74 0.52 -14.07
N THR A 134 7.99 0.77 -12.79
CA THR A 134 6.98 0.60 -11.75
C THR A 134 6.33 1.96 -11.51
N SER A 135 6.82 2.73 -10.55
CA SER A 135 6.19 4.02 -10.21
C SER A 135 7.10 4.78 -9.26
N TYR A 136 6.84 6.08 -9.07
CA TYR A 136 7.61 6.86 -8.07
C TYR A 136 7.29 6.49 -6.62
N TYR A 137 6.12 5.89 -6.40
CA TYR A 137 5.76 5.35 -5.10
C TYR A 137 6.72 4.24 -4.73
N GLN A 138 6.96 3.31 -5.63
CA GLN A 138 7.92 2.25 -5.36
C GLN A 138 9.35 2.77 -5.36
N TYR A 139 9.62 3.77 -6.19
CA TYR A 139 10.93 4.40 -6.21
C TYR A 139 11.25 4.92 -4.80
N SER A 140 10.31 5.64 -4.21
CA SER A 140 10.48 6.23 -2.88
C SER A 140 10.51 5.16 -1.81
N LEU A 141 9.62 4.18 -1.93
CA LEU A 141 9.63 3.06 -1.03
C LEU A 141 11.05 2.48 -0.96
N GLY A 142 11.65 2.22 -2.13
CA GLY A 142 13.03 1.72 -2.22
C GLY A 142 14.12 2.56 -1.55
N ILE A 143 14.08 3.88 -1.76
CA ILE A 143 15.07 4.76 -1.14
C ILE A 143 14.84 4.74 0.38
N LEU A 144 13.57 4.85 0.78
CA LEU A 144 13.19 4.80 2.18
C LEU A 144 13.67 3.53 2.87
N ALA A 145 13.45 2.39 2.23
CA ALA A 145 13.78 1.09 2.80
C ALA A 145 15.30 0.88 3.02
N LEU A 146 16.11 1.48 2.15
CA LEU A 146 17.56 1.44 2.30
C LEU A 146 18.02 2.45 3.34
N CYS A 147 17.36 3.61 3.37
CA CYS A 147 17.67 4.61 4.37
C CYS A 147 17.47 4.11 5.81
N VAL A 148 16.35 3.46 6.10
CA VAL A 148 16.12 2.97 7.47
C VAL A 148 17.16 1.93 7.90
N HIS A 149 17.79 1.28 6.92
CA HIS A 149 18.88 0.34 7.20
C HIS A 149 20.28 0.98 7.12
N GLN A 150 20.32 2.31 7.12
CA GLN A 150 21.58 3.08 7.01
C GLN A 150 22.36 2.83 5.71
N LYS A 151 21.65 2.39 4.67
CA LYS A 151 22.27 2.11 3.38
C LYS A 151 22.13 3.31 2.46
N ARG A 152 23.25 3.76 1.92
CA ARG A 152 23.27 4.94 1.06
C ARG A 152 22.96 4.58 -0.38
N VAL A 153 22.16 5.42 -1.03
CA VAL A 153 21.98 5.37 -2.48
C VAL A 153 22.84 6.40 -3.17
N HIS A 154 23.28 6.06 -4.38
CA HIS A 154 23.89 7.01 -5.28
C HIS A 154 23.14 8.33 -5.27
N ASP A 155 23.87 9.43 -5.33
CA ASP A 155 23.26 10.75 -5.42
C ASP A 155 22.39 10.88 -6.68
N SER A 156 22.85 10.25 -7.77
CA SER A 156 22.14 10.25 -9.07
C SER A 156 20.73 9.65 -8.99
N VAL A 157 20.58 8.60 -8.18
CA VAL A 157 19.31 7.95 -7.98
C VAL A 157 18.34 8.89 -7.27
N VAL A 158 18.79 9.47 -6.14
CA VAL A 158 17.98 10.38 -5.33
C VAL A 158 17.58 11.60 -6.12
N GLY A 159 18.48 12.07 -6.98
CA GLY A 159 18.21 13.22 -7.84
C GLY A 159 16.92 13.07 -8.62
N LYS A 160 16.73 11.89 -9.21
CA LYS A 160 15.58 11.58 -10.04
C LYS A 160 14.26 11.79 -9.31
N LEU A 161 14.21 11.35 -8.05
CA LEU A 161 13.04 11.59 -7.23
C LEU A 161 12.92 13.07 -6.90
N LEU A 162 14.03 13.71 -6.55
CA LEU A 162 14.02 15.12 -6.17
C LEU A 162 13.49 15.98 -7.31
N TYR A 163 13.99 15.74 -8.51
CA TYR A 163 13.52 16.43 -9.71
C TYR A 163 12.02 16.19 -9.92
N ALA A 164 11.59 14.95 -9.86
CA ALA A 164 10.18 14.64 -10.01
C ALA A 164 9.31 15.50 -9.10
N VAL A 165 9.73 15.68 -7.86
CA VAL A 165 8.97 16.43 -6.88
C VAL A 165 9.09 17.94 -7.09
N GLU A 166 10.19 18.38 -7.71
CA GLU A 166 10.54 19.81 -7.86
C GLU A 166 9.93 20.51 -9.09
N HIS A 167 9.46 19.73 -10.08
CA HIS A 167 9.08 20.28 -11.39
C HIS A 167 7.73 19.77 -11.94
N SER A 177 -0.69 9.74 -6.19
CA SER A 177 -0.50 11.22 -6.00
C SER A 177 -0.18 11.55 -4.56
N VAL A 178 -1.19 11.87 -3.76
CA VAL A 178 -0.95 12.09 -2.33
C VAL A 178 -0.14 10.97 -1.68
N ASP A 179 -0.43 9.73 -2.07
CA ASP A 179 0.28 8.58 -1.56
C ASP A 179 1.75 8.60 -1.97
N THR A 180 2.01 8.92 -3.24
CA THR A 180 3.37 9.06 -3.76
C THR A 180 4.09 10.29 -3.18
N MET A 181 3.36 11.39 -2.97
CA MET A 181 3.89 12.54 -2.25
C MET A 181 4.36 12.12 -0.86
N ALA A 182 3.48 11.44 -0.13
CA ALA A 182 3.79 11.02 1.24
C ALA A 182 5.01 10.12 1.30
N MET A 183 5.05 9.12 0.42
CA MET A 183 6.19 8.19 0.39
C MET A 183 7.47 8.90 0.00
N ALA A 184 7.44 9.70 -1.06
CA ALA A 184 8.60 10.50 -1.42
C ALA A 184 9.04 11.32 -0.20
N GLY A 185 8.05 11.94 0.45
CA GLY A 185 8.30 12.75 1.63
C GLY A 185 9.01 11.97 2.70
N MET A 186 8.50 10.79 3.01
CA MET A 186 9.09 10.01 4.08
C MET A 186 10.52 9.58 3.73
N ALA A 187 10.77 9.26 2.46
CA ALA A 187 12.14 8.98 2.00
C ALA A 187 13.05 10.18 2.25
N PHE A 188 12.61 11.37 1.85
CA PHE A 188 13.37 12.61 2.05
C PHE A 188 13.65 12.84 3.52
N SER A 189 12.57 12.83 4.30
CA SER A 189 12.63 13.02 5.73
C SER A 189 13.70 12.10 6.29
N CYS A 190 13.63 10.82 5.91
CA CYS A 190 14.60 9.82 6.32
C CYS A 190 16.05 10.12 5.93
N LEU A 191 16.26 10.64 4.73
CA LEU A 191 17.61 10.94 4.26
C LEU A 191 18.22 12.12 4.98
N GLU A 192 17.37 13.08 5.33
CA GLU A 192 17.79 14.27 6.05
C GLU A 192 18.21 13.85 7.46
N LEU A 193 17.35 13.08 8.12
CA LEU A 193 17.60 12.69 9.49
C LEU A 193 18.81 11.77 9.60
N SER A 194 19.13 11.07 8.51
CA SER A 194 20.27 10.16 8.49
C SER A 194 21.55 10.84 7.98
N ASN A 195 21.41 12.00 7.36
CA ASN A 195 22.49 12.67 6.62
C ASN A 195 23.28 11.71 5.71
N LEU A 196 22.55 10.88 4.95
CA LEU A 196 23.15 9.89 4.04
C LEU A 196 23.68 10.50 2.72
N ASN A 197 23.04 11.58 2.27
CA ASN A 197 23.52 12.35 1.12
C ASN A 197 23.72 13.84 1.50
N PRO A 198 24.86 14.16 2.14
CA PRO A 198 25.09 15.53 2.59
C PRO A 198 25.30 16.51 1.42
N LYS A 199 25.72 15.97 0.27
CA LYS A 199 26.06 16.76 -0.92
C LYS A 199 24.84 17.35 -1.63
N GLN A 200 23.68 17.20 -0.99
CA GLN A 200 22.41 17.74 -1.47
C GLN A 200 21.44 17.95 -0.28
N ARG A 201 22.03 18.10 0.91
CA ARG A 201 21.34 18.32 2.18
C ARG A 201 20.31 19.46 2.11
N ASN A 202 20.67 20.50 1.36
CA ASN A 202 19.83 21.69 1.19
C ASN A 202 18.63 21.39 0.31
N ARG A 203 18.89 20.75 -0.83
CA ARG A 203 17.88 20.45 -1.85
C ARG A 203 16.78 19.52 -1.33
N ILE A 204 17.16 18.58 -0.47
CA ILE A 204 16.22 17.65 0.16
C ILE A 204 15.23 18.42 1.04
N ASN A 205 15.75 19.29 1.89
CA ASN A 205 14.92 20.12 2.74
C ASN A 205 13.84 20.88 1.95
N LEU A 206 14.30 21.55 0.89
CA LEU A 206 13.43 22.31 -0.01
C LEU A 206 12.37 21.41 -0.64
N ALA A 207 12.74 20.16 -0.88
CA ALA A 207 11.83 19.19 -1.46
C ALA A 207 10.71 18.79 -0.49
N LEU A 208 11.01 18.73 0.81
CA LEU A 208 10.01 18.41 1.83
C LEU A 208 8.97 19.52 1.95
N LYS A 209 9.42 20.78 1.88
CA LYS A 209 8.51 21.90 1.90
C LYS A 209 7.54 21.79 0.73
N ARG A 210 8.08 21.49 -0.45
CA ARG A 210 7.28 21.23 -1.65
C ARG A 210 6.25 20.12 -1.45
N VAL A 211 6.71 19.00 -0.92
CA VAL A 211 5.87 17.82 -0.66
C VAL A 211 4.72 18.19 0.27
N GLN A 212 5.05 18.76 1.41
CA GLN A 212 4.06 19.22 2.35
C GLN A 212 3.00 20.08 1.65
N GLU A 213 3.46 21.04 0.86
CA GLU A 213 2.61 21.99 0.16
C GLU A 213 1.58 21.31 -0.72
N LYS A 214 2.06 20.39 -1.57
CA LYS A 214 1.22 19.69 -2.53
C LYS A 214 0.19 18.77 -1.86
N ILE A 215 0.52 18.28 -0.67
CA ILE A 215 -0.41 17.47 0.12
C ILE A 215 -1.57 18.32 0.67
N LEU A 216 -1.28 19.40 1.38
CA LEU A 216 -2.33 20.29 1.88
C LEU A 216 -3.13 20.84 0.71
N LYS A 217 -2.46 21.13 -0.39
CA LYS A 217 -3.12 21.64 -1.58
C LYS A 217 -4.19 20.67 -2.01
N ALA A 218 -3.88 19.38 -1.84
CA ALA A 218 -4.73 18.28 -2.31
C ALA A 218 -5.97 18.00 -1.45
N GLN A 219 -6.07 18.68 -0.30
CA GLN A 219 -7.15 18.39 0.64
C GLN A 219 -8.50 18.64 0.04
N THR A 220 -9.45 17.74 0.36
CA THR A 220 -10.80 17.83 -0.16
C THR A 220 -11.70 18.52 0.87
N PRO A 221 -12.86 19.06 0.43
CA PRO A 221 -13.90 19.59 1.32
C PRO A 221 -14.14 18.75 2.58
N GLU A 222 -14.19 17.41 2.43
CA GLU A 222 -14.50 16.48 3.53
C GLU A 222 -13.39 16.43 4.57
N GLY A 223 -12.19 16.82 4.18
CA GLY A 223 -11.04 16.85 5.06
C GLY A 223 -9.93 15.92 4.61
N TYR A 224 -10.22 15.02 3.67
CA TYR A 224 -9.26 13.99 3.25
C TYR A 224 -8.12 14.59 2.45
N PHE A 225 -6.90 14.15 2.71
CA PHE A 225 -5.80 14.45 1.80
C PHE A 225 -5.84 13.49 0.59
N GLY A 226 -6.39 13.99 -0.53
CA GLY A 226 -6.60 13.15 -1.71
C GLY A 226 -7.92 12.39 -1.61
N ASN A 227 -7.89 11.28 -0.89
CA ASN A 227 -9.10 10.59 -0.48
C ASN A 227 -8.85 9.95 0.86
N VAL A 228 -9.90 9.35 1.42
CA VAL A 228 -9.77 8.74 2.73
C VAL A 228 -8.55 7.84 2.78
N TYR A 229 -8.29 7.10 1.71
CA TYR A 229 -7.25 6.08 1.76
C TYR A 229 -5.80 6.61 1.65
N SER A 230 -5.61 7.73 0.98
CA SER A 230 -4.30 8.37 0.93
C SER A 230 -4.03 9.05 2.25
N THR A 231 -5.08 9.28 3.04
CA THR A 231 -4.99 10.06 4.26
C THR A 231 -4.03 9.47 5.31
N PRO A 232 -4.19 8.18 5.67
CA PRO A 232 -3.25 7.58 6.61
C PRO A 232 -1.83 7.87 6.21
N LEU A 233 -1.47 7.59 4.95
CA LEU A 233 -0.08 7.79 4.51
C LEU A 233 0.34 9.23 4.55
N ALA A 234 -0.58 10.14 4.22
CA ALA A 234 -0.28 11.54 4.26
C ALA A 234 0.03 11.97 5.70
N LEU A 235 -0.78 11.51 6.66
CA LEU A 235 -0.61 11.86 8.07
C LEU A 235 0.72 11.32 8.62
N GLN A 236 1.16 10.16 8.12
CA GLN A 236 2.46 9.60 8.51
C GLN A 236 3.58 10.58 8.20
N LEU A 237 3.58 11.12 7.00
CA LEU A 237 4.58 12.08 6.61
C LEU A 237 4.41 13.41 7.35
N LEU A 238 3.16 13.80 7.57
CA LEU A 238 2.90 15.13 8.16
C LEU A 238 3.14 15.26 9.66
N MET A 239 3.01 14.17 10.40
CA MET A 239 3.30 14.18 11.84
C MET A 239 4.80 14.36 12.10
N GLY A 240 5.59 14.29 11.02
CA GLY A 240 7.03 14.52 11.08
C GLY A 240 7.43 15.99 11.10
N SER A 241 6.43 16.88 10.96
CA SER A 241 6.56 18.34 11.15
C SER A 241 7.84 18.97 10.60
N LEU A 242 8.58 19.62 11.50
CA LEU A 242 9.71 20.51 11.18
C LEU A 242 9.31 21.61 10.17
N ARG A 243 8.04 22.01 10.28
CA ARG A 243 7.46 23.16 9.58
C ARG A 243 6.11 23.54 10.24
N PRO A 244 6.04 23.53 11.60
CA PRO A 244 4.68 23.55 12.16
C PRO A 244 4.03 24.91 11.93
N SER A 245 2.86 24.94 11.29
CA SER A 245 2.24 26.22 10.92
C SER A 245 0.75 26.33 11.30
N VAL A 246 0.10 27.40 10.83
CA VAL A 246 -1.30 27.66 11.14
C VAL A 246 -2.19 27.01 10.09
N GLU A 247 -1.71 26.98 8.84
CA GLU A 247 -2.39 26.28 7.76
C GLU A 247 -2.22 24.78 7.94
N LEU A 248 -1.03 24.37 8.34
CA LEU A 248 -0.71 22.95 8.54
C LEU A 248 -1.46 22.34 9.74
N GLY A 249 -1.66 23.15 10.77
CA GLY A 249 -2.41 22.74 11.95
C GLY A 249 -3.88 22.54 11.63
N THR A 250 -4.47 23.53 10.94
CA THR A 250 -5.86 23.47 10.51
C THR A 250 -6.07 22.21 9.69
N ALA A 251 -5.28 22.08 8.63
CA ALA A 251 -5.37 20.95 7.70
C ALA A 251 -5.39 19.62 8.42
N CYS A 252 -4.37 19.39 9.25
CA CYS A 252 -4.28 18.18 10.05
C CYS A 252 -5.49 17.96 10.93
N LEU A 253 -5.94 19.01 11.62
CA LEU A 253 -7.13 18.89 12.45
C LEU A 253 -8.34 18.40 11.64
N LYS A 254 -8.58 19.03 10.50
CA LYS A 254 -9.67 18.67 9.58
C LYS A 254 -9.53 17.23 9.07
N ALA A 255 -8.33 16.92 8.58
CA ALA A 255 -8.00 15.57 8.09
C ALA A 255 -8.26 14.49 9.13
N LYS A 256 -7.83 14.74 10.37
CA LYS A 256 -7.99 13.78 11.46
C LYS A 256 -9.45 13.53 11.82
N ALA A 257 -10.23 14.59 12.01
CA ALA A 257 -11.66 14.45 12.28
C ALA A 257 -12.36 13.70 11.15
N ALA A 258 -12.00 14.01 9.91
CA ALA A 258 -12.54 13.35 8.72
C ALA A 258 -12.26 11.85 8.69
N LEU A 259 -11.08 11.48 9.18
CA LEU A 259 -10.62 10.11 9.19
C LEU A 259 -11.31 9.30 10.26
N GLN A 260 -11.35 9.84 11.48
CA GLN A 260 -12.14 9.30 12.59
C GLN A 260 -13.61 9.12 12.23
N ALA A 261 -14.12 10.00 11.39
CA ALA A 261 -15.50 9.94 10.97
C ALA A 261 -15.80 8.67 10.15
N SER A 262 -14.87 8.30 9.27
CA SER A 262 -15.07 7.13 8.42
C SER A 262 -14.86 5.82 9.17
N LEU A 263 -14.21 5.92 10.33
CA LEU A 263 -13.92 4.74 11.17
C LEU A 263 -15.17 4.19 11.84
N GLN A 264 -16.20 5.01 11.96
CA GLN A 264 -17.49 4.57 12.49
C GLN A 264 -18.35 3.93 11.39
N HIS A 265 -17.80 3.86 10.18
CA HIS A 265 -18.53 3.35 9.02
C HIS A 265 -17.80 2.21 8.31
N LYS A 266 -16.94 1.53 9.06
CA LYS A 266 -16.29 0.32 8.56
C LYS A 266 -15.65 0.58 7.19
N THR A 267 -15.21 1.82 7.00
CA THR A 267 -14.59 2.24 5.76
C THR A 267 -13.32 1.47 5.41
N PHE A 268 -12.52 1.12 6.41
CA PHE A 268 -11.29 0.40 6.15
C PHE A 268 -11.49 -1.10 6.27
N GLN A 269 -11.36 -1.81 5.15
CA GLN A 269 -11.58 -3.24 5.13
C GLN A 269 -10.35 -3.94 4.60
N ASN A 270 -9.55 -3.22 3.83
CA ASN A 270 -8.43 -3.80 3.16
C ASN A 270 -7.26 -3.97 4.09
N PRO A 271 -6.77 -5.20 4.20
CA PRO A 271 -5.61 -5.44 5.05
C PRO A 271 -4.50 -4.40 4.83
N LEU A 272 -4.04 -4.18 3.60
CA LEU A 272 -2.95 -3.21 3.40
C LEU A 272 -3.34 -1.81 3.90
N MET A 273 -4.57 -1.43 3.64
CA MET A 273 -5.03 -0.13 4.07
C MET A 273 -5.01 0.01 5.58
N ILE A 274 -5.53 -1.00 6.27
CA ILE A 274 -5.47 -1.04 7.71
C ILE A 274 -4.01 -0.96 8.16
N SER A 275 -3.11 -1.67 7.51
CA SER A 275 -1.70 -1.68 7.92
C SER A 275 -1.03 -0.33 7.73
N GLN A 276 -1.60 0.50 6.88
CA GLN A 276 -1.11 1.87 6.73
C GLN A 276 -1.81 2.78 7.75
N LEU A 277 -3.00 2.38 8.20
CA LEU A 277 -3.77 3.18 9.13
C LEU A 277 -3.33 2.99 10.58
N LEU A 278 -3.12 1.74 11.00
CA LEU A 278 -2.76 1.46 12.41
C LEU A 278 -1.58 2.27 12.97
N PRO A 279 -0.47 2.39 12.22
CA PRO A 279 0.64 3.20 12.73
C PRO A 279 0.22 4.64 13.04
N VAL A 280 -0.65 5.19 12.22
CA VAL A 280 -1.13 6.55 12.42
C VAL A 280 -1.92 6.65 13.71
N LEU A 281 -2.72 5.63 13.98
CA LEU A 281 -3.55 5.63 15.18
C LEU A 281 -2.68 5.44 16.39
N ASN A 282 -1.44 5.05 16.18
CA ASN A 282 -0.48 4.89 17.26
C ASN A 282 0.65 5.95 17.25
N GLN A 283 0.40 7.07 16.59
CA GLN A 283 1.37 8.17 16.48
C GLN A 283 2.72 7.71 15.92
N LYS A 284 2.69 6.82 14.94
CA LYS A 284 3.91 6.34 14.33
C LYS A 284 3.87 6.33 12.78
N SER A 285 5.04 6.36 12.14
CA SER A 285 5.13 6.36 10.68
C SER A 285 6.29 5.49 10.27
N TYR A 286 6.37 5.16 8.99
CA TYR A 286 7.49 4.37 8.48
C TYR A 286 8.83 5.01 8.82
N VAL A 287 8.84 6.32 9.04
CA VAL A 287 10.07 7.02 9.41
C VAL A 287 10.54 6.62 10.82
N ASP A 288 9.64 6.10 11.66
CA ASP A 288 10.07 5.60 12.97
C ASP A 288 10.89 4.30 12.88
N LEU A 289 11.03 3.76 11.66
CA LEU A 289 11.84 2.56 11.44
C LEU A 289 13.35 2.83 11.34
N ILE A 290 13.74 4.10 11.49
CA ILE A 290 15.13 4.44 11.62
C ILE A 290 15.60 3.85 12.95
N SER A 291 14.83 4.07 14.01
CA SER A 291 15.09 3.49 15.32
C SER A 291 13.77 3.15 15.98
N PRO A 292 13.34 1.89 15.81
CA PRO A 292 12.09 1.37 16.36
C PRO A 292 12.19 0.98 17.82
N ASP A 293 11.09 1.16 18.54
CA ASP A 293 11.00 0.82 19.94
C ASP A 293 10.37 -0.55 20.06
N CYS A 294 11.17 -1.60 20.04
CA CYS A 294 10.63 -2.95 20.18
C CYS A 294 10.39 -3.35 21.64
N GLN A 295 10.67 -2.47 22.61
CA GLN A 295 10.37 -2.77 24.02
C GLN A 295 8.91 -2.44 24.40
N ALA A 296 8.35 -1.44 23.72
CA ALA A 296 7.02 -0.90 24.02
C ALA A 296 5.90 -1.94 23.95
N PRO A 297 5.11 -2.11 25.02
CA PRO A 297 4.05 -3.11 25.03
C PRO A 297 2.90 -2.73 24.12
N ARG A 298 2.13 -3.74 23.70
CA ARG A 298 0.97 -3.57 22.81
C ARG A 298 -0.16 -4.47 23.35
N ALA A 299 -1.40 -4.14 23.05
CA ALA A 299 -2.49 -4.99 23.53
C ALA A 299 -2.63 -6.21 22.64
N LEU A 300 -2.70 -7.38 23.27
CA LEU A 300 -2.89 -8.61 22.54
C LEU A 300 -4.29 -8.69 21.94
N LEU A 301 -4.35 -8.90 20.64
CA LEU A 301 -5.59 -9.22 19.94
C LEU A 301 -5.92 -10.70 20.09
N GLU A 302 -7.17 -11.02 20.42
CA GLU A 302 -7.58 -12.42 20.57
C GLU A 302 -8.59 -12.80 19.50
N PRO A 303 -8.64 -14.10 19.10
CA PRO A 303 -9.54 -14.49 18.01
C PRO A 303 -10.97 -14.09 18.31
N ALA A 304 -11.63 -13.49 17.31
CA ALA A 304 -13.03 -13.10 17.44
C ALA A 304 -13.95 -14.31 17.68
N LEU A 305 -13.86 -15.30 16.77
CA LEU A 305 -14.53 -16.61 16.90
C LEU A 305 -16.07 -16.54 16.94
N GLU A 306 -16.66 -15.55 16.25
CA GLU A 306 -18.09 -15.25 16.41
C GLU A 306 -18.90 -15.20 15.11
N THR A 307 -18.85 -14.05 14.41
CA THR A 307 -19.63 -13.77 13.17
C THR A 307 -21.14 -14.19 13.24
N PRO A 308 -22.00 -13.27 13.75
CA PRO A 308 -23.43 -13.51 14.08
C PRO A 308 -24.28 -14.25 13.01
N PRO A 309 -24.64 -15.53 13.28
CA PRO A 309 -25.45 -16.36 12.37
C PRO A 309 -26.92 -15.92 12.30
N GLN A 310 -27.29 -15.31 11.17
CA GLN A 310 -28.64 -14.74 11.00
C GLN A 310 -29.72 -15.81 10.87
N ALA A 311 -29.50 -16.78 9.96
CA ALA A 311 -30.52 -17.73 9.52
C ALA A 311 -31.68 -17.00 8.80
N LYS A 312 -31.35 -15.80 8.29
CA LYS A 312 -32.29 -14.93 7.59
C LYS A 312 -32.40 -15.28 6.11
N VAL A 313 -33.16 -14.47 5.37
CA VAL A 313 -33.12 -14.46 3.91
C VAL A 313 -32.60 -13.08 3.52
N PRO A 314 -31.45 -13.02 2.84
CA PRO A 314 -30.76 -11.76 2.69
C PRO A 314 -31.32 -10.93 1.55
N LYS A 315 -31.18 -9.61 1.63
CA LYS A 315 -31.48 -8.75 0.50
C LYS A 315 -30.64 -9.15 -0.70
N PHE A 316 -31.19 -8.99 -1.91
CA PHE A 316 -30.37 -9.10 -3.11
C PHE A 316 -30.20 -7.76 -3.77
N ILE A 317 -29.08 -7.62 -4.47
CA ILE A 317 -28.85 -6.45 -5.29
C ILE A 317 -28.85 -6.94 -6.70
N ASP A 318 -29.47 -6.18 -7.60
CA ASP A 318 -29.40 -6.44 -9.02
C ASP A 318 -28.36 -5.47 -9.50
N VAL A 319 -27.27 -5.98 -10.05
CA VAL A 319 -26.19 -5.10 -10.50
C VAL A 319 -25.80 -5.38 -11.96
N LEU A 320 -25.36 -4.36 -12.67
CA LEU A 320 -25.05 -4.51 -14.09
C LEU A 320 -23.56 -4.31 -14.32
N LEU A 321 -22.90 -5.33 -14.85
CA LEU A 321 -21.48 -5.28 -15.08
C LEU A 321 -21.18 -4.95 -16.53
N LYS A 322 -20.29 -3.99 -16.80
CA LYS A 322 -19.96 -3.65 -18.19
C LYS A 322 -18.49 -3.45 -18.45
N VAL A 323 -18.04 -3.90 -19.62
CA VAL A 323 -16.63 -3.83 -19.99
C VAL A 323 -16.44 -2.90 -21.17
N SER A 324 -15.52 -1.95 -21.03
CA SER A 324 -15.28 -0.97 -22.08
C SER A 324 -13.80 -0.82 -22.35
N GLY A 325 -13.46 -0.11 -23.41
CA GLY A 325 -12.06 0.13 -23.70
C GLY A 325 -11.44 -0.95 -24.58
N ILE A 326 -12.30 -1.87 -25.04
CA ILE A 326 -11.90 -2.93 -25.94
C ILE A 326 -13.06 -3.32 -26.87
N SER A 327 -12.73 -3.99 -27.96
CA SER A 327 -13.70 -4.41 -28.95
C SER A 327 -13.82 -5.94 -28.91
N PRO A 328 -15.03 -6.47 -28.62
CA PRO A 328 -16.27 -5.74 -28.36
C PRO A 328 -16.42 -5.41 -26.87
N SER A 329 -17.29 -4.44 -26.57
CA SER A 329 -17.72 -4.20 -25.20
C SER A 329 -18.67 -5.35 -24.81
N TYR A 330 -18.94 -5.49 -23.52
CA TYR A 330 -19.60 -6.67 -23.00
C TYR A 330 -20.39 -6.24 -21.80
N ARG A 331 -21.68 -6.53 -21.76
CA ARG A 331 -22.43 -6.28 -20.54
C ARG A 331 -22.90 -7.58 -19.94
N HIS A 332 -23.21 -7.52 -18.64
CA HIS A 332 -23.64 -8.69 -17.92
C HIS A 332 -24.57 -8.29 -16.76
N SER A 333 -25.66 -9.04 -16.60
CA SER A 333 -26.66 -8.77 -15.56
C SER A 333 -26.61 -9.81 -14.45
N VAL A 334 -26.38 -9.37 -13.22
CA VAL A 334 -26.30 -10.30 -12.06
C VAL A 334 -27.11 -9.86 -10.84
N SER A 335 -27.83 -10.82 -10.26
CA SER A 335 -28.42 -10.62 -8.92
C SER A 335 -27.74 -11.50 -7.88
N VAL A 336 -27.18 -10.85 -6.86
CA VAL A 336 -26.39 -11.52 -5.85
C VAL A 336 -26.79 -10.96 -4.49
N PRO A 337 -26.49 -11.70 -3.39
CA PRO A 337 -26.75 -11.24 -2.04
C PRO A 337 -26.09 -9.91 -1.77
N ALA A 338 -26.78 -9.01 -1.10
CA ALA A 338 -26.20 -7.71 -0.77
C ALA A 338 -24.92 -7.93 0.04
N GLY A 339 -23.90 -7.12 -0.20
CA GLY A 339 -22.66 -7.28 0.51
C GLY A 339 -21.69 -8.19 -0.22
N SER A 340 -22.11 -8.74 -1.37
CA SER A 340 -21.20 -9.50 -2.22
C SER A 340 -20.19 -8.50 -2.73
N SER A 341 -18.97 -8.96 -3.03
CA SER A 341 -17.92 -8.06 -3.46
C SER A 341 -17.88 -8.06 -4.96
N LEU A 342 -17.23 -7.07 -5.56
CA LEU A 342 -17.16 -7.02 -7.02
C LEU A 342 -16.54 -8.31 -7.52
N GLU A 343 -15.57 -8.81 -6.75
CA GLU A 343 -14.88 -10.02 -7.11
C GLU A 343 -15.81 -11.22 -7.14
N ASP A 344 -16.74 -11.30 -6.20
CA ASP A 344 -17.75 -12.37 -6.18
C ASP A 344 -18.63 -12.30 -7.42
N ILE A 345 -19.06 -11.08 -7.75
CA ILE A 345 -19.87 -10.83 -8.92
C ILE A 345 -19.12 -11.25 -10.16
N LEU A 346 -17.83 -10.92 -10.24
CA LEU A 346 -17.00 -11.36 -11.36
C LEU A 346 -16.94 -12.88 -11.48
N LYS A 347 -16.50 -13.55 -10.42
CA LYS A 347 -16.39 -15.00 -10.41
C LYS A 347 -17.71 -15.63 -10.88
N ASN A 348 -18.82 -15.08 -10.41
CA ASN A 348 -20.17 -15.49 -10.79
C ASN A 348 -20.45 -15.36 -12.29
N ALA A 349 -20.12 -14.19 -12.83
CA ALA A 349 -20.30 -13.93 -14.26
C ALA A 349 -19.46 -14.89 -15.10
N GLN A 350 -18.24 -15.19 -14.66
CA GLN A 350 -17.37 -16.14 -15.34
C GLN A 350 -17.97 -17.54 -15.29
N GLU A 351 -18.59 -17.87 -14.16
CA GLU A 351 -19.14 -19.20 -13.90
C GLU A 351 -20.44 -19.41 -14.69
N HIS A 352 -21.31 -18.42 -14.67
CA HIS A 352 -22.64 -18.59 -15.26
C HIS A 352 -22.83 -17.80 -16.55
N GLY A 353 -21.73 -17.55 -17.26
CA GLY A 353 -21.82 -16.68 -18.43
C GLY A 353 -20.55 -16.60 -19.24
N ARG A 354 -20.62 -15.75 -20.26
CA ARG A 354 -19.55 -15.64 -21.24
C ARG A 354 -18.39 -14.76 -20.75
N PHE A 355 -18.43 -14.39 -19.47
CA PHE A 355 -17.39 -13.56 -18.90
C PHE A 355 -16.17 -14.39 -18.57
N ARG A 356 -15.01 -13.74 -18.63
CA ARG A 356 -13.79 -14.25 -18.04
C ARG A 356 -12.84 -13.10 -17.71
N PHE A 357 -11.99 -13.33 -16.72
CA PHE A 357 -11.08 -12.32 -16.20
C PHE A 357 -9.94 -13.01 -15.45
N ARG A 358 -8.85 -12.28 -15.21
CA ARG A 358 -7.71 -12.83 -14.50
C ARG A 358 -7.11 -11.77 -13.55
N THR A 359 -6.81 -12.18 -12.33
CA THR A 359 -6.21 -11.28 -11.37
C THR A 359 -4.84 -11.81 -11.00
N GLN A 360 -3.94 -10.96 -10.58
CA GLN A 360 -2.75 -11.50 -9.96
C GLN A 360 -2.50 -10.89 -8.57
N ALA A 361 -1.90 -11.68 -7.69
CA ALA A 361 -1.70 -11.27 -6.31
C ALA A 361 -0.88 -9.98 -6.17
N SER A 362 -1.24 -9.20 -5.15
CA SER A 362 -0.48 -8.04 -4.72
C SER A 362 -0.68 -7.98 -3.23
N LEU A 363 0.06 -7.09 -2.57
CA LEU A 363 -0.13 -6.88 -1.16
C LEU A 363 -1.48 -6.21 -0.83
N SER A 364 -2.16 -5.67 -1.84
CA SER A 364 -3.47 -5.08 -1.63
C SER A 364 -4.55 -6.09 -1.93
N GLY A 365 -4.13 -7.25 -2.42
CA GLY A 365 -5.07 -8.33 -2.75
C GLY A 365 -5.18 -8.48 -4.27
N PRO A 366 -6.19 -9.23 -4.73
CA PRO A 366 -6.37 -9.52 -6.17
C PRO A 366 -6.41 -8.26 -7.02
N PHE A 367 -5.35 -8.05 -7.78
CA PHE A 367 -5.25 -6.96 -8.73
C PHE A 367 -5.80 -7.45 -10.05
N LEU A 368 -6.83 -6.80 -10.59
CA LEU A 368 -7.42 -7.19 -11.89
C LEU A 368 -6.49 -6.88 -13.06
N THR A 369 -5.88 -7.93 -13.62
CA THR A 369 -4.92 -7.78 -14.73
C THR A 369 -5.47 -7.99 -16.14
N SER A 370 -6.47 -8.85 -16.29
CA SER A 370 -6.99 -9.21 -17.61
C SER A 370 -8.50 -9.35 -17.54
N VAL A 371 -9.18 -9.00 -18.63
CA VAL A 371 -10.65 -9.11 -18.78
C VAL A 371 -11.01 -9.57 -20.19
N LEU A 372 -11.84 -10.60 -20.29
CA LEU A 372 -12.25 -11.19 -21.56
C LEU A 372 -11.09 -11.41 -22.51
N GLY A 373 -10.01 -11.97 -21.98
CA GLY A 373 -8.84 -12.29 -22.78
C GLY A 373 -7.94 -11.12 -23.11
N ARG A 374 -8.27 -9.91 -22.63
CA ARG A 374 -7.44 -8.74 -22.87
C ARG A 374 -6.62 -8.39 -21.64
N LYS A 375 -5.34 -8.74 -21.67
CA LYS A 375 -4.41 -8.40 -20.59
C LYS A 375 -3.90 -6.97 -20.75
N ALA A 376 -3.83 -6.24 -19.64
CA ALA A 376 -3.30 -4.89 -19.70
C ALA A 376 -1.77 -4.92 -19.90
N GLY A 377 -1.27 -4.06 -20.80
CA GLY A 377 0.15 -4.01 -21.15
C GLY A 377 0.98 -3.05 -20.30
N GLU A 378 2.02 -2.47 -20.91
CA GLU A 378 2.99 -1.63 -20.20
C GLU A 378 2.37 -0.44 -19.49
N ARG A 379 1.81 0.51 -20.23
CA ARG A 379 1.24 1.64 -19.50
C ARG A 379 -0.28 1.65 -19.54
N GLU A 380 -0.86 0.44 -19.61
CA GLU A 380 -2.30 0.27 -19.51
C GLU A 380 -2.66 -0.37 -18.16
N PHE A 381 -3.89 -0.13 -17.70
CA PHE A 381 -4.45 -0.87 -16.56
C PHE A 381 -5.96 -0.90 -16.60
N TRP A 382 -6.54 -1.91 -15.97
CA TRP A 382 -7.99 -2.06 -15.90
C TRP A 382 -8.54 -1.22 -14.78
N GLN A 383 -9.22 -0.14 -15.13
CA GLN A 383 -9.81 0.75 -14.15
C GLN A 383 -11.17 0.23 -13.81
N VAL A 384 -11.51 0.33 -12.53
CA VAL A 384 -12.83 -0.06 -12.11
C VAL A 384 -13.60 1.19 -11.72
N LEU A 385 -14.80 1.37 -12.27
CA LEU A 385 -15.65 2.54 -11.98
C LEU A 385 -17.11 2.16 -11.72
N ARG A 386 -17.79 2.99 -10.93
CA ARG A 386 -19.22 2.91 -10.79
C ARG A 386 -19.68 3.98 -11.70
N ASP A 387 -20.49 3.56 -12.67
CA ASP A 387 -21.00 4.43 -13.70
C ASP A 387 -22.01 5.37 -13.02
N PRO A 388 -21.97 6.68 -13.35
CA PRO A 388 -21.31 7.36 -14.47
C PRO A 388 -19.92 7.93 -14.11
N ASP A 389 -18.90 7.39 -14.76
CA ASP A 389 -17.52 7.89 -14.67
C ASP A 389 -16.92 8.23 -13.28
N THR A 390 -17.38 7.56 -12.21
CA THR A 390 -16.74 7.70 -10.89
C THR A 390 -15.86 6.49 -10.65
N PRO A 391 -14.52 6.68 -10.60
CA PRO A 391 -13.61 5.57 -10.38
C PRO A 391 -13.76 5.09 -8.96
N LEU A 392 -13.80 3.77 -8.76
CA LEU A 392 -13.91 3.21 -7.40
C LEU A 392 -12.67 3.47 -6.56
N GLN A 393 -12.85 3.54 -5.24
CA GLN A 393 -11.71 3.70 -4.32
C GLN A 393 -11.35 2.42 -3.56
N GLN A 394 -11.89 1.29 -4.01
CA GLN A 394 -11.59 -0.01 -3.43
C GLN A 394 -11.43 -0.98 -4.58
N GLY A 395 -10.66 -2.06 -4.38
CA GLY A 395 -10.43 -3.05 -5.43
C GLY A 395 -11.56 -4.05 -5.57
N ILE A 396 -11.37 -5.09 -6.37
CA ILE A 396 -12.49 -5.98 -6.64
C ILE A 396 -12.97 -6.76 -5.41
N ALA A 397 -12.04 -7.16 -4.55
CA ALA A 397 -12.35 -7.99 -3.40
C ALA A 397 -12.96 -7.20 -2.24
N ASP A 398 -12.67 -5.91 -2.17
CA ASP A 398 -13.16 -5.08 -1.08
C ASP A 398 -14.42 -4.31 -1.47
N TYR A 399 -14.57 -3.95 -2.75
CA TYR A 399 -15.71 -3.12 -3.13
C TYR A 399 -16.97 -3.93 -3.14
N ARG A 400 -17.92 -3.54 -2.30
CA ARG A 400 -19.18 -4.25 -2.22
C ARG A 400 -20.28 -3.37 -2.81
N PRO A 401 -20.69 -3.65 -4.07
CA PRO A 401 -21.61 -2.83 -4.85
C PRO A 401 -22.93 -2.66 -4.16
N LYS A 402 -23.54 -1.48 -4.35
CA LYS A 402 -24.90 -1.18 -3.90
C LYS A 402 -25.91 -1.60 -4.96
N ASP A 403 -27.20 -1.59 -4.59
CA ASP A 403 -28.28 -2.00 -5.49
C ASP A 403 -28.49 -1.03 -6.63
N GLY A 404 -28.57 -1.57 -7.85
CA GLY A 404 -28.85 -0.78 -9.03
C GLY A 404 -27.62 -0.31 -9.78
N GLU A 405 -26.46 -0.40 -9.13
CA GLU A 405 -25.22 0.09 -9.69
C GLU A 405 -24.85 -0.55 -11.01
N THR A 406 -24.15 0.24 -11.83
CA THR A 406 -23.50 -0.26 -13.02
C THR A 406 -22.00 -0.19 -12.78
N ILE A 407 -21.34 -1.34 -12.74
CA ILE A 407 -19.89 -1.37 -12.52
C ILE A 407 -19.15 -1.56 -13.84
N GLU A 408 -18.22 -0.63 -14.15
CA GLU A 408 -17.48 -0.64 -15.41
C GLU A 408 -16.05 -1.12 -15.27
N LEU A 409 -15.65 -2.12 -16.04
CA LEU A 409 -14.23 -2.44 -16.12
C LEU A 409 -13.71 -1.80 -17.40
N ARG A 410 -12.88 -0.78 -17.26
CA ARG A 410 -12.48 0.03 -18.40
C ARG A 410 -10.97 -0.01 -18.55
N LEU A 411 -10.51 -0.44 -19.72
CA LEU A 411 -9.08 -0.51 -19.99
C LEU A 411 -8.54 0.87 -20.34
N VAL A 412 -7.73 1.44 -19.46
CA VAL A 412 -7.23 2.81 -19.67
C VAL A 412 -5.72 2.87 -19.80
N GLY A 413 -5.24 3.93 -20.44
CA GLY A 413 -3.81 4.14 -20.68
C GLY A 413 -3.20 5.29 -19.89
N TRP A 414 -2.77 5.00 -18.66
CA TRP A 414 -2.02 5.94 -17.81
C TRP A 414 -0.51 5.82 -18.11
#